data_4HMH
#
_entry.id   4HMH
#
_cell.length_a   67.294
_cell.length_b   67.294
_cell.length_c   117.005
_cell.angle_alpha   90.00
_cell.angle_beta   90.00
_cell.angle_gamma   90.00
#
_symmetry.space_group_name_H-M   'P 41 21 2'
#
loop_
_entity.id
_entity.type
_entity.pdbx_description
1 polymer Tankyrase-2
2 polymer Tankyrase-2
3 non-polymer 'ZINC ION'
4 non-polymer 'SULFATE ION'
5 non-polymer GLYCEROL
6 non-polymer 7-hydroxy-2-(3-hydroxyphenyl)-4H-chromen-4-one
7 non-polymer DI(HYDROXYETHYL)ETHER
8 water water
#
loop_
_entity_poly.entity_id
_entity_poly.type
_entity_poly.pdbx_seq_one_letter_code
_entity_poly.pdbx_strand_id
1 'polypeptide(L)'
;MHHHHHHSSGVDLGTENLYFQSMLNTSGSGTILIDLSPDDKEFQSVEEEMQSTVREHRDGGHAGGIFNRYNILKIQKVCN
KKLWERYTHRRKEVSEENHNHANERMLFHGSPFVNAIIHKGFDERHAYIGGMFGAGIYFAENSSKSNQYVYGIGGGTGCP
VHKDRSCYICHRQLLFCRVTLGKSFLQFSAM
;
A
2 'polypeptide(L)' KMAHSPPGHHSVTGRPSVNGLALAEYVIYRGEQAYPEYLITYQIMRPEG C
#
loop_
_chem_comp.id
_chem_comp.type
_chem_comp.name
_chem_comp.formula
F94 non-polymer 7-hydroxy-2-(3-hydroxyphenyl)-4H-chromen-4-one 'C15 H10 O4'
GOL non-polymer GLYCEROL 'C3 H8 O3'
PEG non-polymer DI(HYDROXYETHYL)ETHER 'C4 H10 O3'
SO4 non-polymer 'SULFATE ION' 'O4 S -2'
ZN non-polymer 'ZINC ION' 'Zn 2'
#
# COMPACT_ATOMS: atom_id res chain seq x y z
N GLY A 30 -14.18 -13.63 8.49
CA GLY A 30 -15.10 -14.00 7.42
C GLY A 30 -14.72 -13.36 6.08
N THR A 31 -13.46 -13.43 5.72
CA THR A 31 -13.06 -12.86 4.45
C THR A 31 -13.27 -13.91 3.43
N ILE A 32 -13.91 -13.55 2.32
CA ILE A 32 -13.88 -14.36 1.13
C ILE A 32 -13.17 -13.53 0.02
N LEU A 33 -12.46 -14.23 -0.89
CA LEU A 33 -11.70 -13.62 -1.96
C LEU A 33 -12.30 -14.04 -3.30
N ILE A 34 -12.63 -13.07 -4.13
CA ILE A 34 -13.24 -13.34 -5.43
C ILE A 34 -12.25 -12.97 -6.56
N ASP A 35 -11.86 -13.95 -7.38
CA ASP A 35 -10.90 -13.72 -8.46
C ASP A 35 -11.57 -12.85 -9.46
N LEU A 36 -10.90 -11.78 -9.87
CA LEU A 36 -11.40 -10.99 -10.96
C LEU A 36 -10.83 -11.60 -12.24
N SER A 37 -11.67 -11.66 -13.26
CA SER A 37 -11.27 -12.13 -14.55
C SER A 37 -10.49 -10.99 -15.22
N PRO A 38 -9.41 -11.31 -15.96
CA PRO A 38 -8.64 -10.29 -16.67
C PRO A 38 -9.38 -9.64 -17.82
N ASP A 39 -10.59 -10.14 -18.13
CA ASP A 39 -11.48 -9.47 -19.07
C ASP A 39 -12.32 -8.41 -18.39
N ASP A 40 -12.43 -8.50 -17.07
CA ASP A 40 -13.24 -7.58 -16.32
C ASP A 40 -12.58 -6.18 -16.37
N LYS A 41 -13.38 -5.14 -16.62
CA LYS A 41 -12.87 -3.78 -16.60
C LYS A 41 -12.26 -3.37 -15.22
N GLU A 42 -12.83 -3.88 -14.13
CA GLU A 42 -12.24 -3.72 -12.81
C GLU A 42 -10.78 -4.26 -12.72
N PHE A 43 -10.53 -5.42 -13.33
CA PHE A 43 -9.19 -6.03 -13.32
C PHE A 43 -8.23 -5.13 -14.05
N GLN A 44 -8.62 -4.71 -15.24
CA GLN A 44 -7.74 -3.92 -16.07
C GLN A 44 -7.39 -2.58 -15.47
N SER A 45 -8.39 -1.89 -14.97
CA SER A 45 -8.20 -0.67 -14.22
C SER A 45 -7.17 -0.82 -13.06
N VAL A 46 -7.33 -1.85 -12.22
CA VAL A 46 -6.38 -2.11 -11.12
C VAL A 46 -5.00 -2.45 -11.66
N GLU A 47 -4.91 -3.31 -12.66
CA GLU A 47 -3.61 -3.57 -13.28
C GLU A 47 -2.97 -2.29 -13.82
N GLU A 48 -3.76 -1.39 -14.41
CA GLU A 48 -3.20 -0.19 -15.01
C GLU A 48 -2.60 0.73 -13.92
N GLU A 49 -3.23 0.71 -12.74
CA GLU A 49 -2.80 1.61 -11.68
C GLU A 49 -1.50 1.06 -11.06
N MET A 50 -1.34 -0.24 -11.16
CA MET A 50 -0.15 -0.95 -10.72
C MET A 50 1.04 -0.77 -11.72
N GLN A 51 0.80 -1.04 -12.99
CA GLN A 51 1.86 -0.90 -14.00
C GLN A 51 2.27 0.57 -14.22
N SER A 52 1.33 1.52 -14.23
CA SER A 52 1.70 2.93 -14.58
C SER A 52 2.39 3.72 -13.47
N THR A 53 2.38 3.20 -12.23
CA THR A 53 2.97 3.89 -11.11
C THR A 53 4.31 3.31 -10.68
N VAL A 54 4.89 2.43 -11.51
CA VAL A 54 6.29 2.02 -11.35
C VAL A 54 7.24 3.20 -11.65
N ARG A 55 8.29 3.33 -10.84
CA ARG A 55 9.35 4.29 -11.15
C ARG A 55 10.72 3.68 -10.84
N GLU A 56 11.77 4.42 -11.19
CA GLU A 56 13.12 4.07 -10.77
C GLU A 56 13.35 4.47 -9.32
N HIS A 57 14.19 3.71 -8.62
CA HIS A 57 14.50 4.03 -7.22
C HIS A 57 15.94 4.38 -7.04
N ARG A 58 16.19 5.25 -6.07
CA ARG A 58 17.52 5.78 -5.83
C ARG A 58 18.50 4.71 -5.30
N ASP A 59 17.97 3.56 -4.88
CA ASP A 59 18.81 2.52 -4.38
C ASP A 59 19.29 1.59 -5.46
N GLY A 60 19.03 1.94 -6.73
CA GLY A 60 19.49 1.15 -7.87
C GLY A 60 18.82 -0.21 -8.01
N GLY A 61 17.77 -0.45 -7.21
CA GLY A 61 17.07 -1.72 -7.16
C GLY A 61 17.42 -2.56 -5.96
N HIS A 62 18.23 -2.02 -5.04
CA HIS A 62 18.70 -2.79 -3.91
C HIS A 62 17.59 -3.50 -3.16
N ALA A 63 16.55 -2.76 -2.80
CA ALA A 63 15.50 -3.23 -1.89
C ALA A 63 14.39 -4.07 -2.57
N GLY A 64 13.97 -3.64 -3.76
CA GLY A 64 12.84 -4.18 -4.44
C GLY A 64 13.12 -4.91 -5.73
N GLY A 65 14.33 -4.83 -6.24
CA GLY A 65 14.70 -5.49 -7.51
C GLY A 65 14.86 -4.54 -8.68
N ILE A 66 15.46 -5.03 -9.76
CA ILE A 66 15.61 -4.27 -11.00
C ILE A 66 14.51 -4.65 -11.99
N PHE A 67 13.67 -3.67 -12.37
CA PHE A 67 12.49 -3.93 -13.22
C PHE A 67 11.79 -2.64 -13.69
N ASN A 68 11.05 -2.74 -14.79
CA ASN A 68 10.22 -1.65 -15.32
C ASN A 68 8.75 -1.96 -15.29
N ARG A 69 8.41 -3.23 -15.13
CA ARG A 69 7.02 -3.64 -15.10
C ARG A 69 6.84 -4.97 -14.38
N TYR A 70 5.57 -5.31 -14.09
CA TYR A 70 5.21 -6.60 -13.51
C TYR A 70 4.51 -7.51 -14.51
N ASN A 71 4.55 -8.80 -14.17
CA ASN A 71 3.66 -9.84 -14.70
C ASN A 71 2.62 -10.10 -13.61
N ILE A 72 1.38 -9.65 -13.87
CA ILE A 72 0.31 -9.75 -12.92
C ILE A 72 -0.30 -11.12 -13.08
N LEU A 73 -0.32 -11.90 -12.02
CA LEU A 73 -0.72 -13.27 -12.11
C LEU A 73 -2.16 -13.43 -11.63
N LYS A 74 -2.62 -12.54 -10.76
CA LYS A 74 -3.97 -12.65 -10.24
C LYS A 74 -4.36 -11.41 -9.44
N ILE A 75 -5.63 -11.01 -9.56
CA ILE A 75 -6.19 -9.91 -8.75
C ILE A 75 -7.46 -10.39 -8.05
N GLN A 76 -7.57 -10.18 -6.74
CA GLN A 76 -8.73 -10.65 -6.01
C GLN A 76 -9.35 -9.56 -5.17
N LYS A 77 -10.68 -9.45 -5.28
CA LYS A 77 -11.48 -8.54 -4.46
C LYS A 77 -11.64 -9.13 -3.04
N VAL A 78 -11.28 -8.32 -2.03
CA VAL A 78 -11.38 -8.74 -0.63
C VAL A 78 -12.72 -8.28 -0.02
N CYS A 79 -13.57 -9.23 0.38
CA CYS A 79 -14.90 -8.88 0.93
C CYS A 79 -14.99 -9.40 2.35
N ASN A 80 -15.12 -8.47 3.29
CA ASN A 80 -15.27 -8.81 4.71
C ASN A 80 -16.17 -7.72 5.29
N LYS A 81 -17.33 -8.14 5.81
CA LYS A 81 -18.41 -7.23 6.19
C LYS A 81 -18.07 -6.46 7.45
N LYS A 82 -17.76 -7.20 8.51
CA LYS A 82 -17.25 -6.63 9.74
C LYS A 82 -16.19 -5.57 9.47
N LEU A 83 -15.20 -5.90 8.63
CA LEU A 83 -14.09 -4.99 8.36
C LEU A 83 -14.56 -3.77 7.58
N TRP A 84 -15.47 -3.97 6.66
CA TRP A 84 -16.00 -2.87 5.86
C TRP A 84 -16.82 -1.93 6.70
N GLU A 85 -17.68 -2.43 7.57
CA GLU A 85 -18.48 -1.54 8.40
C GLU A 85 -17.56 -0.75 9.35
N ARG A 86 -16.49 -1.40 9.79
CA ARG A 86 -15.49 -0.71 10.59
C ARG A 86 -14.83 0.42 9.78
N TYR A 87 -14.43 0.13 8.54
CA TYR A 87 -13.89 1.18 7.70
C TYR A 87 -14.85 2.37 7.55
N THR A 88 -16.09 2.13 7.08
CA THR A 88 -17.02 3.24 6.73
C THR A 88 -17.64 4.01 7.90
N HIS A 89 -17.67 3.40 9.07
CA HIS A 89 -18.08 4.10 10.28
C HIS A 89 -17.04 5.15 10.62
N ARG A 90 -15.78 4.77 10.62
CA ARG A 90 -14.70 5.70 10.83
C ARG A 90 -14.63 6.77 9.73
N ARG A 91 -14.93 6.38 8.49
CA ARG A 91 -14.92 7.29 7.34
C ARG A 91 -15.85 8.49 7.58
N LYS A 92 -17.04 8.18 8.09
CA LYS A 92 -18.09 9.14 8.39
C LYS A 92 -17.64 10.10 9.48
N GLU A 93 -16.93 9.58 10.47
CA GLU A 93 -16.38 10.41 11.53
C GLU A 93 -15.41 11.43 10.94
N VAL A 94 -14.40 10.94 10.23
CA VAL A 94 -13.39 11.85 9.69
C VAL A 94 -14.08 12.87 8.78
N SER A 95 -15.00 12.39 7.94
CA SER A 95 -15.76 13.24 7.03
C SER A 95 -16.34 14.47 7.72
N GLU A 96 -17.04 14.23 8.82
CA GLU A 96 -17.67 15.30 9.59
C GLU A 96 -16.75 16.23 10.30
N GLU A 97 -15.51 15.79 10.55
CA GLU A 97 -14.48 16.63 11.16
C GLU A 97 -13.72 17.42 10.11
N ASN A 98 -14.09 17.30 8.84
CA ASN A 98 -13.30 17.90 7.76
C ASN A 98 -14.20 18.29 6.56
N HIS A 99 -15.14 19.20 6.83
CA HIS A 99 -16.04 19.78 5.80
C HIS A 99 -16.68 18.76 4.89
N ASN A 100 -17.13 17.65 5.48
CA ASN A 100 -17.71 16.51 4.76
C ASN A 100 -16.86 16.02 3.59
N HIS A 101 -15.57 15.87 3.86
CA HIS A 101 -14.61 15.42 2.89
C HIS A 101 -13.71 14.40 3.56
N ALA A 102 -14.02 13.14 3.32
CA ALA A 102 -13.27 12.00 3.83
C ALA A 102 -11.84 11.98 3.28
N ASN A 103 -11.69 12.52 2.08
CA ASN A 103 -10.37 12.56 1.42
C ASN A 103 -9.86 11.14 1.20
N GLU A 104 -10.73 10.35 0.55
CA GLU A 104 -10.55 8.93 0.33
C GLU A 104 -9.64 8.67 -0.86
N ARG A 105 -8.59 7.90 -0.68
CA ARG A 105 -7.74 7.51 -1.83
C ARG A 105 -7.64 6.00 -2.00
N MET A 106 -7.12 5.57 -3.16
CA MET A 106 -6.74 4.16 -3.39
C MET A 106 -5.21 4.14 -3.44
N LEU A 107 -4.59 3.44 -2.49
CA LEU A 107 -3.14 3.45 -2.39
C LEU A 107 -2.55 2.07 -2.15
N PHE A 108 -1.27 1.92 -2.46
CA PHE A 108 -0.59 0.64 -2.30
C PHE A 108 0.01 0.42 -0.92
N HIS A 109 0.05 -0.85 -0.53
CA HIS A 109 0.67 -1.29 0.71
C HIS A 109 1.24 -2.67 0.47
N GLY A 110 2.52 -2.84 0.75
CA GLY A 110 3.23 -4.12 0.58
C GLY A 110 3.94 -4.55 1.85
N SER A 111 3.71 -5.77 2.32
CA SER A 111 4.44 -6.26 3.51
C SER A 111 4.42 -7.77 3.57
N PRO A 112 5.23 -8.36 4.46
CA PRO A 112 5.13 -9.82 4.59
C PRO A 112 3.81 -10.28 5.24
N PHE A 113 3.02 -9.35 5.78
CA PHE A 113 1.82 -9.73 6.54
C PHE A 113 0.48 -9.56 5.83
N VAL A 114 0.48 -9.53 4.50
CA VAL A 114 -0.77 -9.26 3.78
C VAL A 114 -1.89 -10.30 4.07
N ASN A 115 -1.53 -11.54 4.36
CA ASN A 115 -2.56 -12.55 4.64
C ASN A 115 -3.26 -12.32 5.95
N ALA A 116 -2.54 -11.85 6.96
CA ALA A 116 -3.18 -11.44 8.19
C ALA A 116 -4.08 -10.23 7.94
N ILE A 117 -3.61 -9.26 7.14
CA ILE A 117 -4.32 -7.99 7.01
C ILE A 117 -5.73 -8.22 6.45
N ILE A 118 -5.81 -9.05 5.42
CA ILE A 118 -7.09 -9.31 4.75
C ILE A 118 -8.07 -10.12 5.62
N HIS A 119 -7.55 -10.86 6.59
CA HIS A 119 -8.43 -11.61 7.50
C HIS A 119 -8.80 -10.85 8.71
N LYS A 120 -7.85 -10.12 9.28
CA LYS A 120 -8.05 -9.53 10.60
C LYS A 120 -8.08 -8.00 10.62
N GLY A 121 -7.71 -7.37 9.51
CA GLY A 121 -7.70 -5.92 9.44
C GLY A 121 -6.36 -5.30 9.74
N PHE A 122 -6.17 -4.05 9.30
CA PHE A 122 -4.98 -3.28 9.68
C PHE A 122 -5.04 -3.01 11.18
N ASP A 123 -3.87 -3.08 11.82
CA ASP A 123 -3.70 -2.62 13.20
C ASP A 123 -2.22 -2.26 13.49
N GLU A 124 -1.91 -1.98 14.76
CA GLU A 124 -0.53 -1.65 15.23
C GLU A 124 0.62 -2.60 14.83
N ARG A 125 0.32 -3.89 14.67
CA ARG A 125 1.27 -4.88 14.12
C ARG A 125 1.74 -4.53 12.73
N HIS A 126 0.94 -3.77 11.98
CA HIS A 126 1.25 -3.46 10.56
C HIS A 126 1.86 -2.10 10.38
N ALA A 127 2.25 -1.48 11.50
CA ALA A 127 2.87 -0.17 11.58
C ALA A 127 4.37 -0.27 11.43
N TYR A 128 4.95 0.85 11.00
CA TYR A 128 6.36 0.97 10.70
C TYR A 128 6.94 1.89 11.76
N ILE A 129 7.42 1.28 12.85
CA ILE A 129 7.91 2.04 14.01
C ILE A 129 9.04 2.96 13.59
N GLY A 130 10.00 2.42 12.85
CA GLY A 130 11.12 3.24 12.39
C GLY A 130 10.81 4.32 11.36
N GLY A 131 9.56 4.52 10.98
CA GLY A 131 9.24 5.37 9.83
C GLY A 131 9.55 6.85 9.93
N MET A 132 9.82 7.45 8.78
CA MET A 132 10.14 8.88 8.68
C MET A 132 9.04 9.80 9.21
N PHE A 133 7.79 9.41 9.06
CA PHE A 133 6.71 10.28 9.47
C PHE A 133 5.98 9.74 10.69
N GLY A 134 6.68 9.01 11.54
CA GLY A 134 6.08 8.49 12.76
C GLY A 134 5.65 7.04 12.69
N ALA A 135 5.24 6.51 13.84
CA ALA A 135 4.93 5.08 13.98
C ALA A 135 3.48 4.84 13.61
N GLY A 136 3.20 4.67 12.32
CA GLY A 136 1.84 4.43 11.84
C GLY A 136 1.90 3.51 10.64
N ILE A 137 0.78 3.43 9.91
CA ILE A 137 0.65 2.49 8.79
C ILE A 137 0.96 3.25 7.49
N TYR A 138 1.97 2.79 6.75
CA TYR A 138 2.43 3.48 5.55
C TYR A 138 1.75 3.00 4.28
N PHE A 139 1.65 3.91 3.32
CA PHE A 139 1.03 3.65 2.03
C PHE A 139 1.71 4.43 0.92
N ALA A 140 1.73 3.87 -0.29
CA ALA A 140 2.39 4.51 -1.44
C ALA A 140 1.48 4.76 -2.66
N GLU A 141 1.64 5.93 -3.26
CA GLU A 141 1.14 6.17 -4.63
C GLU A 141 1.95 5.39 -5.70
N ASN A 142 3.26 5.22 -5.53
CA ASN A 142 4.06 4.37 -6.44
C ASN A 142 3.96 2.90 -6.04
N SER A 143 3.40 2.06 -6.91
CA SER A 143 3.38 0.63 -6.62
C SER A 143 4.79 0.12 -6.32
N SER A 144 5.77 0.58 -7.09
CA SER A 144 7.17 0.16 -6.90
C SER A 144 7.76 0.53 -5.53
N LYS A 145 7.23 1.58 -4.89
CA LYS A 145 7.67 1.90 -3.50
C LYS A 145 7.15 0.82 -2.52
N SER A 146 5.89 0.41 -2.65
CA SER A 146 5.35 -0.61 -1.74
C SER A 146 6.06 -1.93 -1.96
N ASN A 147 6.42 -2.18 -3.21
CA ASN A 147 7.15 -3.37 -3.58
C ASN A 147 8.43 -3.54 -2.79
N GLN A 148 9.08 -2.42 -2.45
CA GLN A 148 10.31 -2.46 -1.68
C GLN A 148 10.11 -3.03 -0.27
N TYR A 149 8.88 -3.05 0.21
CA TYR A 149 8.56 -3.59 1.56
C TYR A 149 7.92 -4.99 1.61
N VAL A 150 7.73 -5.63 0.44
CA VAL A 150 7.00 -6.91 0.38
C VAL A 150 7.72 -7.98 1.21
N TYR A 151 9.05 -8.02 1.08
CA TYR A 151 9.86 -8.91 1.88
C TYR A 151 10.48 -8.28 3.16
N GLY A 152 9.94 -7.17 3.65
CA GLY A 152 10.39 -6.55 4.92
C GLY A 152 11.00 -5.15 4.72
N ILE A 153 11.45 -4.52 5.79
CA ILE A 153 12.10 -3.21 5.68
C ILE A 153 13.30 -3.34 4.73
N GLY A 154 13.45 -2.40 3.81
CA GLY A 154 14.60 -2.45 2.88
C GLY A 154 14.77 -3.74 2.10
N GLY A 155 13.66 -4.45 1.87
CA GLY A 155 13.66 -5.73 1.17
C GLY A 155 13.98 -6.92 2.03
N GLY A 156 14.27 -6.69 3.31
CA GLY A 156 14.74 -7.75 4.19
C GLY A 156 15.89 -8.51 3.54
N THR A 157 15.81 -9.83 3.55
CA THR A 157 16.79 -10.70 2.90
C THR A 157 16.17 -11.31 1.65
N GLY A 158 15.17 -10.67 1.08
CA GLY A 158 14.67 -11.06 -0.24
C GLY A 158 13.72 -12.24 -0.18
N CYS A 159 13.42 -12.85 -1.33
CA CYS A 159 12.45 -13.93 -1.35
C CYS A 159 12.86 -15.10 -0.43
N PRO A 160 11.87 -15.78 0.13
CA PRO A 160 12.21 -16.80 1.10
C PRO A 160 12.96 -17.99 0.49
N VAL A 161 12.70 -18.30 -0.78
CA VAL A 161 13.27 -19.49 -1.40
C VAL A 161 14.67 -19.30 -1.95
N HIS A 162 14.99 -18.10 -2.43
CA HIS A 162 16.31 -17.82 -2.98
C HIS A 162 17.07 -16.75 -2.26
N LYS A 163 16.49 -16.18 -1.22
CA LYS A 163 17.10 -15.04 -0.56
C LYS A 163 17.45 -14.00 -1.60
N ASP A 164 16.56 -13.70 -2.54
CA ASP A 164 16.94 -12.75 -3.61
C ASP A 164 15.97 -11.56 -3.68
N ARG A 165 16.51 -10.36 -3.47
CA ARG A 165 15.63 -9.18 -3.43
C ARG A 165 15.11 -8.79 -4.80
N SER A 166 15.76 -9.31 -5.83
CA SER A 166 15.36 -9.12 -7.23
C SER A 166 14.84 -10.39 -7.91
N CYS A 167 14.41 -11.35 -7.11
CA CYS A 167 13.92 -12.62 -7.63
C CYS A 167 12.83 -12.41 -8.68
N TYR A 168 13.08 -12.94 -9.88
CA TYR A 168 12.15 -12.90 -11.00
C TYR A 168 11.21 -14.12 -11.08
N ILE A 169 11.35 -15.04 -10.13
CA ILE A 169 10.59 -16.28 -10.15
C ILE A 169 9.47 -16.30 -9.12
N CYS A 170 9.79 -15.96 -7.87
CA CYS A 170 8.82 -16.13 -6.78
C CYS A 170 7.67 -15.14 -6.87
N HIS A 171 6.49 -15.60 -6.44
CA HIS A 171 5.27 -14.82 -6.49
C HIS A 171 5.26 -13.76 -5.38
N ARG A 172 5.02 -12.47 -5.73
CA ARG A 172 4.93 -11.41 -4.73
C ARG A 172 3.48 -10.97 -4.57
N GLN A 173 3.16 -10.33 -3.47
CA GLN A 173 1.78 -9.90 -3.18
C GLN A 173 1.70 -8.50 -2.56
N LEU A 174 0.88 -7.61 -3.15
CA LEU A 174 0.64 -6.25 -2.66
C LEU A 174 -0.84 -6.08 -2.41
N LEU A 175 -1.20 -5.06 -1.62
CA LEU A 175 -2.58 -4.65 -1.47
C LEU A 175 -2.81 -3.29 -2.14
N PHE A 176 -3.97 -3.18 -2.78
CA PHE A 176 -4.48 -1.93 -3.27
C PHE A 176 -5.63 -1.61 -2.29
N CYS A 177 -5.42 -0.59 -1.47
CA CYS A 177 -6.36 -0.24 -0.40
C CYS A 177 -7.06 1.11 -0.53
N ARG A 178 -8.28 1.15 -0.03
CA ARG A 178 -9.06 2.36 0.12
C ARG A 178 -8.66 2.98 1.46
N VAL A 179 -8.07 4.18 1.42
CA VAL A 179 -7.59 4.88 2.61
C VAL A 179 -8.28 6.25 2.87
N THR A 180 -8.79 6.46 4.08
CA THR A 180 -9.32 7.75 4.50
C THR A 180 -8.17 8.65 5.02
N LEU A 181 -7.90 9.76 4.35
CA LEU A 181 -6.82 10.70 4.77
C LEU A 181 -7.30 11.84 5.69
N GLY A 182 -8.53 12.29 5.44
CA GLY A 182 -9.14 13.38 6.18
C GLY A 182 -8.34 14.62 5.90
N LYS A 183 -8.19 15.41 6.95
CA LYS A 183 -7.25 16.51 6.96
C LYS A 183 -5.87 15.94 7.19
N SER A 184 -5.03 16.10 6.19
CA SER A 184 -3.71 15.48 6.16
C SER A 184 -2.64 16.53 6.41
N PHE A 185 -1.74 16.26 7.33
CA PHE A 185 -0.60 17.13 7.57
C PHE A 185 0.44 17.02 6.45
N LEU A 186 0.74 18.16 5.84
CA LEU A 186 1.65 18.19 4.72
C LEU A 186 3.07 18.35 5.22
N GLN A 187 3.88 17.33 4.92
CA GLN A 187 5.26 17.25 5.34
C GLN A 187 6.15 16.99 4.12
N PHE A 188 6.81 18.04 3.64
CA PHE A 188 7.79 17.90 2.59
C PHE A 188 8.97 17.13 3.12
N SER A 189 9.57 16.35 2.22
CA SER A 189 10.62 15.41 2.55
C SER A 189 11.77 15.50 1.58
N ALA A 190 12.99 15.30 2.07
CA ALA A 190 14.20 15.32 1.26
C ALA A 190 14.38 14.08 0.38
N MET B 2 2.21 2.41 18.77
CA MET B 2 1.74 3.14 17.59
C MET B 2 1.46 4.63 17.88
N ALA B 3 2.17 5.51 17.16
CA ALA B 3 2.17 6.97 17.41
C ALA B 3 0.83 7.63 17.10
N HIS B 4 0.79 8.95 17.25
CA HIS B 4 -0.46 9.69 17.08
C HIS B 4 -0.44 10.66 15.95
N SER B 5 -1.63 10.93 15.44
CA SER B 5 -1.79 11.95 14.42
C SER B 5 -1.37 13.32 14.94
N PRO B 6 -0.72 14.13 14.09
CA PRO B 6 -0.56 15.55 14.38
C PRO B 6 -1.87 16.15 14.85
N PRO B 7 -1.86 16.83 16.02
CA PRO B 7 -3.10 17.36 16.57
C PRO B 7 -3.93 18.11 15.54
N GLY B 8 -5.21 17.74 15.43
CA GLY B 8 -6.14 18.37 14.52
C GLY B 8 -6.12 17.80 13.11
N HIS B 9 -5.31 16.76 12.86
CA HIS B 9 -5.21 16.12 11.53
C HIS B 9 -5.48 14.65 11.64
N HIS B 10 -5.83 14.00 10.54
CA HIS B 10 -6.15 12.57 10.52
C HIS B 10 -5.14 11.67 9.86
N SER B 11 -4.09 12.25 9.27
CA SER B 11 -3.09 11.50 8.53
C SER B 11 -1.92 12.39 8.24
N VAL B 12 -0.84 11.81 7.73
CA VAL B 12 0.27 12.59 7.25
C VAL B 12 0.53 12.29 5.79
N THR B 13 0.90 13.32 5.03
CA THR B 13 1.40 13.18 3.64
C THR B 13 2.87 13.55 3.56
N GLY B 14 3.67 12.60 3.08
CA GLY B 14 5.09 12.85 2.78
C GLY B 14 5.25 13.11 1.31
N ARG B 15 5.47 14.37 0.92
CA ARG B 15 5.65 14.74 -0.50
C ARG B 15 7.16 14.89 -0.71
N PRO B 16 7.79 13.90 -1.38
CA PRO B 16 9.21 14.09 -1.73
C PRO B 16 9.45 15.44 -2.40
N SER B 17 10.47 16.17 -1.98
CA SER B 17 10.77 17.48 -2.57
C SER B 17 11.98 17.50 -3.52
N VAL B 18 12.85 16.48 -3.46
CA VAL B 18 14.08 16.41 -4.30
C VAL B 18 13.82 15.61 -5.59
N ASN B 19 13.42 14.34 -5.45
CA ASN B 19 13.06 13.56 -6.61
C ASN B 19 11.69 14.02 -7.13
N GLY B 20 11.69 14.84 -8.16
CA GLY B 20 10.46 15.32 -8.76
C GLY B 20 9.62 14.28 -9.51
N LEU B 21 10.09 13.04 -9.60
CA LEU B 21 9.29 11.91 -10.13
C LEU B 21 8.70 10.99 -9.05
N ALA B 22 9.08 11.17 -7.79
CA ALA B 22 8.56 10.33 -6.74
C ALA B 22 7.21 10.87 -6.31
N LEU B 23 6.21 10.02 -6.31
CA LEU B 23 4.87 10.37 -5.86
C LEU B 23 4.79 10.27 -4.32
N ALA B 24 3.66 10.67 -3.76
CA ALA B 24 3.51 10.80 -2.31
C ALA B 24 3.44 9.48 -1.55
N GLU B 25 3.67 9.55 -0.24
CA GLU B 25 3.53 8.39 0.65
C GLU B 25 2.64 8.88 1.78
N TYR B 26 1.77 8.04 2.30
CA TYR B 26 0.88 8.53 3.35
C TYR B 26 0.92 7.65 4.58
N VAL B 27 0.70 8.23 5.75
CA VAL B 27 0.72 7.46 6.99
C VAL B 27 -0.58 7.74 7.69
N ILE B 28 -1.23 6.69 8.18
CA ILE B 28 -2.39 6.83 9.06
C ILE B 28 -2.05 6.22 10.42
N TYR B 29 -2.87 6.52 11.42
CA TYR B 29 -2.60 6.12 12.81
C TYR B 29 -3.76 5.36 13.47
N ARG B 30 -4.73 4.94 12.65
CA ARG B 30 -5.84 4.06 13.03
C ARG B 30 -5.99 2.98 11.94
N GLY B 31 -6.11 1.72 12.32
CA GLY B 31 -6.34 0.67 11.33
C GLY B 31 -7.68 0.78 10.64
N GLU B 32 -8.66 1.36 11.33
CA GLU B 32 -9.99 1.60 10.79
C GLU B 32 -10.03 2.57 9.58
N GLN B 33 -8.96 3.31 9.36
CA GLN B 33 -8.89 4.24 8.24
C GLN B 33 -8.36 3.63 6.93
N ALA B 34 -8.17 2.32 6.85
CA ALA B 34 -7.86 1.65 5.57
C ALA B 34 -8.65 0.35 5.41
N TYR B 35 -9.02 0.05 4.17
CA TYR B 35 -9.69 -1.16 3.87
C TYR B 35 -9.02 -1.85 2.68
N PRO B 36 -8.49 -3.06 2.91
CA PRO B 36 -7.69 -3.72 1.90
C PRO B 36 -8.54 -4.32 0.80
N GLU B 37 -8.86 -3.55 -0.22
CA GLU B 37 -9.80 -4.00 -1.25
C GLU B 37 -9.31 -5.04 -2.20
N TYR B 38 -8.08 -4.88 -2.70
CA TYR B 38 -7.55 -5.86 -3.65
C TYR B 38 -6.26 -6.49 -3.21
N LEU B 39 -6.10 -7.75 -3.60
CA LEU B 39 -4.94 -8.55 -3.32
C LEU B 39 -4.35 -8.85 -4.67
N ILE B 40 -3.19 -8.24 -4.98
CA ILE B 40 -2.54 -8.48 -6.26
C ILE B 40 -1.33 -9.40 -6.11
N THR B 41 -1.35 -10.51 -6.84
CA THR B 41 -0.23 -11.45 -6.91
C THR B 41 0.49 -11.28 -8.25
N TYR B 42 1.82 -11.18 -8.20
CA TYR B 42 2.61 -10.67 -9.32
C TYR B 42 4.10 -11.07 -9.22
N GLN B 43 4.79 -10.99 -10.35
CA GLN B 43 6.26 -11.11 -10.37
C GLN B 43 6.77 -9.82 -10.92
N ILE B 44 8.00 -9.44 -10.54
CA ILE B 44 8.69 -8.36 -11.25
C ILE B 44 9.30 -8.98 -12.52
N MET B 45 9.48 -8.21 -13.57
CA MET B 45 10.00 -8.75 -14.81
C MET B 45 11.42 -8.24 -15.05
N ARG B 46 12.33 -9.17 -15.33
CA ARG B 46 13.68 -8.80 -15.77
C ARG B 46 13.63 -7.96 -17.06
N PRO B 47 14.23 -6.77 -17.06
CA PRO B 47 14.38 -5.97 -18.30
C PRO B 47 15.13 -6.67 -19.45
N GLU B 48 14.72 -6.43 -20.68
CA GLU B 48 15.40 -7.02 -21.86
C GLU B 48 16.85 -6.62 -21.89
ZN ZN C . 12.84 -16.49 -5.20
S SO4 D . 13.67 6.04 -3.28
O1 SO4 D . 14.03 6.06 -4.71
O2 SO4 D . 12.72 4.97 -2.95
O3 SO4 D . 14.86 5.90 -2.47
O4 SO4 D . 13.09 7.34 -3.00
C1 GOL E . 16.01 -0.04 -13.08
O1 GOL E . 15.31 -0.94 -13.99
C2 GOL E . 15.17 0.21 -11.82
O2 GOL E . 14.48 -1.00 -11.51
C3 GOL E . 16.00 0.65 -10.60
O3 GOL E . 15.08 1.19 -9.63
CAK F94 F . 4.91 -2.35 6.30
CAL F94 F . 5.22 -3.07 7.48
OAS F94 F . 4.39 -4.06 7.93
CAM F94 F . 6.37 -2.80 8.21
CAI F94 F . 7.20 -1.80 7.76
CAJ F94 F . 6.90 -1.07 6.61
CAH F94 F . 5.76 -1.34 5.86
CAF F94 F . 5.50 -0.58 4.72
OAA F94 F . 6.23 0.56 4.64
CAB F94 F . 6.05 1.45 3.66
CAN F94 F . 6.77 2.66 3.72
CAO F94 F . 6.58 3.62 2.73
OAR F94 F . 7.24 4.80 2.79
CAP F94 F . 5.67 3.35 1.71
CAQ F94 F . 4.98 2.15 1.66
CAC F94 F . 5.18 1.17 2.63
CAD F94 F . 4.48 -0.04 2.61
OAG F94 F . 3.69 -0.36 1.70
CAE F94 F . 4.63 -0.90 3.69
C1 PEG G . 4.11 8.88 -15.20
O1 PEG G . 3.04 8.74 -16.17
C2 PEG G . 4.84 7.55 -14.91
O2 PEG G . 4.94 7.33 -13.49
C3 PEG G . 6.25 7.35 -12.89
C4 PEG G . 6.03 7.14 -11.38
O4 PEG G . 6.51 8.19 -10.50
S SO4 H . 11.39 -4.13 -20.14
O1 SO4 H . 12.56 -3.36 -19.63
O2 SO4 H . 10.23 -3.23 -20.36
O3 SO4 H . 11.83 -4.80 -21.38
O4 SO4 H . 11.04 -5.16 -19.13
#